data_6KKO
#
_entry.id   6KKO
#
_cell.length_a   75.618
_cell.length_b   42.015
_cell.length_c   96.584
_cell.angle_alpha   90.000
_cell.angle_beta   93.450
_cell.angle_gamma   90.000
#
_symmetry.space_group_name_H-M   'P 1 21 1'
#
loop_
_entity.id
_entity.type
_entity.pdbx_description
1 polymer 'Putative serine phosphatase'
2 polymer 'DUF1987 domain-containing protein'
3 non-polymer "ADENOSINE-5'-DIPHOSPHATE"
4 non-polymer 'SODIUM ION'
5 water water
#
loop_
_entity_poly.entity_id
_entity_poly.type
_entity_poly.pdbx_seq_one_letter_code
_entity_poly.pdbx_strand_id
1 'polypeptide(L)'
;S(MSE)ETLDLLA(MSE)RESYTRQRILLCFNGPISRSLIEEIGHALRNYLHAEQAKPSEA(MSE)DVFAVYIE(MSE)T
QNIRHYANLKGYGEHEAAATVAIARNEDGHYVVSAGNLVERDDGQSLVRSIQAIANLDKAALKAAYKEQLRRPRDSGCAS
GAGLGLLDIARKSSEPLAASLKEQPDGRAFFSLRAVI
;
A,B
2 'polypeptide(L)'
;S(MSE)SDLHIPGTQSTPAIQGDWQAGRLS(MSE)QGDSYPENSYELFGQVIDWVERFLADGQRPLELDLRLLYLN
(TPO)SSIKA(MSE)(MSE)DILDLLEEAHQGGRPVSLRWHYDRRNERVAELAEEFREDCSFPFAIQAHDE
;
C,D
#
# COMPACT_ATOMS: atom_id res chain seq x y z
N GLU A 3 -17.18 -17.32 15.96
CA GLU A 3 -17.78 -16.73 14.78
C GLU A 3 -17.61 -17.55 13.51
N THR A 4 -17.61 -16.82 12.40
CA THR A 4 -17.53 -17.46 11.10
C THR A 4 -16.12 -17.40 10.52
N LEU A 5 -15.30 -16.42 10.93
CA LEU A 5 -13.94 -16.21 10.42
C LEU A 5 -13.02 -17.39 10.70
N ASP A 6 -12.56 -18.07 9.63
CA ASP A 6 -11.65 -19.21 9.75
C ASP A 6 -10.41 -18.89 8.93
N LEU A 7 -9.36 -18.42 9.61
CA LEU A 7 -8.16 -17.96 8.94
C LEU A 7 -7.38 -19.11 8.31
N LEU A 8 -7.43 -20.30 8.91
CA LEU A 8 -6.74 -21.44 8.34
C LEU A 8 -7.42 -21.92 7.07
N ALA A 9 -8.76 -21.90 7.05
CA ALA A 9 -9.49 -22.35 5.86
C ALA A 9 -9.18 -21.47 4.65
N ARG A 11 -6.25 -19.72 4.23
CA ARG A 11 -4.87 -20.00 3.87
C ARG A 11 -4.76 -21.27 3.05
N GLU A 12 -5.56 -22.29 3.39
CA GLU A 12 -5.53 -23.55 2.65
C GLU A 12 -6.17 -23.40 1.28
N SER A 13 -7.24 -22.59 1.18
CA SER A 13 -7.84 -22.32 -0.12
C SER A 13 -6.87 -21.59 -1.04
N TYR A 14 -6.08 -20.66 -0.48
CA TYR A 14 -5.06 -19.99 -1.27
C TYR A 14 -4.01 -20.98 -1.77
N THR A 15 -3.62 -21.92 -0.91
CA THR A 15 -2.67 -22.96 -1.32
C THR A 15 -3.25 -23.84 -2.42
N ARG A 16 -4.53 -24.21 -2.30
CA ARG A 16 -5.16 -25.04 -3.33
C ARG A 16 -5.12 -24.36 -4.69
N GLN A 17 -5.40 -23.06 -4.74
CA GLN A 17 -5.44 -22.31 -5.99
C GLN A 17 -4.08 -21.77 -6.41
N ARG A 18 -3.02 -22.07 -5.64
CA ARG A 18 -1.67 -21.60 -5.93
C ARG A 18 -1.61 -20.07 -6.00
N ILE A 19 -2.34 -19.40 -5.10
CA ILE A 19 -2.36 -17.94 -5.06
C ILE A 19 -1.15 -17.44 -4.29
N LEU A 20 -0.39 -16.53 -4.91
CA LEU A 20 0.74 -15.88 -4.25
C LEU A 20 0.33 -14.57 -3.56
N LEU A 21 -0.58 -13.81 -4.16
CA LEU A 21 -1.07 -12.58 -3.56
C LEU A 21 -2.57 -12.47 -3.77
N CYS A 22 -3.27 -11.94 -2.77
CA CYS A 22 -4.68 -11.67 -2.92
CA CYS A 22 -4.70 -11.72 -2.88
C CYS A 22 -5.09 -10.62 -1.89
N PHE A 23 -5.99 -9.74 -2.33
CA PHE A 23 -6.51 -8.66 -1.49
C PHE A 23 -7.99 -8.51 -1.74
N ASN A 24 -8.74 -8.18 -0.67
CA ASN A 24 -10.17 -7.95 -0.75
C ASN A 24 -10.52 -6.77 0.15
N GLY A 25 -11.19 -5.78 -0.41
CA GLY A 25 -11.60 -4.62 0.34
C GLY A 25 -11.50 -3.35 -0.48
N PRO A 26 -11.70 -2.20 0.17
CA PRO A 26 -11.53 -0.92 -0.51
C PRO A 26 -10.13 -0.79 -1.09
N ILE A 27 -10.06 -0.33 -2.34
CA ILE A 27 -8.80 -0.32 -3.07
C ILE A 27 -8.53 1.10 -3.54
N SER A 28 -7.44 1.66 -3.03
CA SER A 28 -7.06 3.04 -3.33
C SER A 28 -5.90 3.06 -4.32
N ARG A 29 -5.63 4.25 -4.82
CA ARG A 29 -4.50 4.47 -5.72
C ARG A 29 -3.24 3.97 -5.10
N SER A 30 -2.96 4.44 -3.90
CA SER A 30 -1.73 4.04 -3.21
C SER A 30 -1.73 2.57 -2.85
N LEU A 31 -2.90 1.99 -2.60
CA LEU A 31 -2.95 0.57 -2.30
C LEU A 31 -2.64 -0.25 -3.57
N ILE A 32 -3.13 0.22 -4.72
CA ILE A 32 -2.80 -0.42 -6.00
C ILE A 32 -1.30 -0.49 -6.20
N GLU A 33 -0.61 0.64 -5.99
CA GLU A 33 0.81 0.70 -6.25
C GLU A 33 1.60 -0.17 -5.28
N GLU A 34 1.18 -0.19 -4.01
CA GLU A 34 1.92 -0.95 -3.02
C GLU A 34 1.77 -2.44 -3.23
N ILE A 35 0.58 -2.89 -3.63
CA ILE A 35 0.44 -4.30 -3.99
C ILE A 35 1.22 -4.61 -5.26
N GLY A 36 1.22 -3.69 -6.23
CA GLY A 36 2.03 -3.86 -7.43
C GLY A 36 3.51 -3.96 -7.09
N HIS A 37 3.93 -3.33 -6.00
CA HIS A 37 5.33 -3.43 -5.58
C HIS A 37 5.63 -4.81 -5.01
N ALA A 38 4.71 -5.36 -4.21
CA ALA A 38 4.85 -6.74 -3.77
C ALA A 38 4.87 -7.70 -4.96
N LEU A 39 4.01 -7.46 -5.95
CA LEU A 39 3.98 -8.30 -7.14
C LEU A 39 5.30 -8.26 -7.89
N ARG A 40 5.85 -7.05 -8.09
CA ARG A 40 7.10 -6.90 -8.81
C ARG A 40 8.25 -7.55 -8.06
N ASN A 41 8.25 -7.46 -6.73
CA ASN A 41 9.28 -8.15 -5.97
C ASN A 41 9.13 -9.67 -6.10
N TYR A 42 7.89 -10.17 -6.06
CA TYR A 42 7.69 -11.61 -6.20
C TYR A 42 8.14 -12.10 -7.57
N LEU A 43 7.82 -11.33 -8.62
CA LEU A 43 8.26 -11.71 -9.96
C LEU A 43 9.78 -11.73 -10.07
N HIS A 44 10.45 -10.77 -9.41
CA HIS A 44 11.90 -10.77 -9.40
C HIS A 44 12.44 -11.96 -8.61
N ALA A 45 11.83 -12.27 -7.48
CA ALA A 45 12.29 -13.42 -6.68
C ALA A 45 12.07 -14.73 -7.40
N GLU A 46 11.10 -14.81 -8.29
CA GLU A 46 10.87 -16.02 -9.07
C GLU A 46 11.61 -16.01 -10.41
N GLN A 47 12.54 -15.07 -10.59
CA GLN A 47 13.35 -14.99 -11.80
C GLN A 47 12.46 -14.96 -13.06
N ALA A 48 11.40 -14.17 -13.00
CA ALA A 48 10.56 -13.97 -14.17
C ALA A 48 11.36 -13.31 -15.28
N LYS A 49 11.18 -13.82 -16.49
CA LYS A 49 11.78 -13.18 -17.65
C LYS A 49 11.30 -11.73 -17.75
N PRO A 50 12.16 -10.79 -18.15
CA PRO A 50 11.79 -9.36 -18.08
C PRO A 50 10.48 -9.03 -18.78
N SER A 51 10.24 -9.60 -19.95
CA SER A 51 9.00 -9.30 -20.67
C SER A 51 7.80 -9.96 -20.01
N GLU A 52 7.98 -11.14 -19.41
CA GLU A 52 6.91 -11.77 -18.65
C GLU A 52 6.58 -10.96 -17.39
N ALA A 53 7.60 -10.43 -16.71
CA ALA A 53 7.35 -9.63 -15.52
C ALA A 53 6.56 -8.38 -15.84
N ASP A 55 4.44 -8.01 -18.41
CA ASP A 55 3.10 -8.42 -18.81
C ASP A 55 2.21 -8.66 -17.59
N VAL A 56 2.72 -9.41 -16.60
CA VAL A 56 1.93 -9.69 -15.40
C VAL A 56 1.63 -8.39 -14.64
N PHE A 57 2.64 -7.53 -14.49
CA PHE A 57 2.42 -6.25 -13.82
C PHE A 57 1.43 -5.39 -14.61
N ALA A 58 1.60 -5.31 -15.93
CA ALA A 58 0.71 -4.50 -16.75
C ALA A 58 -0.73 -4.98 -16.65
N VAL A 59 -0.94 -6.31 -16.64
CA VAL A 59 -2.31 -6.82 -16.55
C VAL A 59 -2.91 -6.53 -15.17
N TYR A 60 -2.08 -6.62 -14.13
CA TYR A 60 -2.54 -6.29 -12.78
C TYR A 60 -2.96 -4.83 -12.68
N ILE A 61 -2.11 -3.92 -13.18
CA ILE A 61 -2.40 -2.50 -13.07
C ILE A 61 -3.64 -2.15 -13.87
N GLU A 62 -3.74 -2.68 -15.09
CA GLU A 62 -4.85 -2.28 -15.95
C GLU A 62 -6.18 -2.83 -15.44
N THR A 64 -6.94 -3.46 -12.30
CA THR A 64 -7.30 -2.78 -11.08
C THR A 64 -7.62 -1.31 -11.32
N GLN A 65 -6.96 -0.69 -12.32
CA GLN A 65 -7.31 0.68 -12.65
C GLN A 65 -8.63 0.77 -13.39
N ASN A 66 -9.05 -0.30 -14.08
CA ASN A 66 -10.40 -0.32 -14.67
C ASN A 66 -11.45 -0.30 -13.57
N ILE A 67 -11.18 -0.95 -12.43
CA ILE A 67 -12.11 -0.89 -11.31
C ILE A 67 -12.17 0.51 -10.72
N ARG A 68 -11.00 1.15 -10.56
CA ARG A 68 -10.98 2.54 -10.10
C ARG A 68 -11.76 3.44 -11.03
N HIS A 69 -11.58 3.28 -12.35
CA HIS A 69 -12.26 4.15 -13.30
C HIS A 69 -13.77 3.95 -13.25
N TYR A 70 -14.22 2.71 -13.10
CA TYR A 70 -15.65 2.44 -13.01
C TYR A 70 -16.24 3.04 -11.74
N ALA A 71 -15.55 2.86 -10.61
CA ALA A 71 -16.04 3.39 -9.34
C ALA A 71 -16.13 4.91 -9.39
N ASN A 72 -15.18 5.58 -10.05
CA ASN A 72 -15.24 7.03 -10.22
C ASN A 72 -16.43 7.41 -11.08
N LEU A 73 -16.59 6.74 -12.22
CA LEU A 73 -17.70 7.03 -13.12
C LEU A 73 -19.05 6.88 -12.43
N LYS A 74 -19.23 5.81 -11.67
CA LYS A 74 -20.46 5.58 -10.92
C LYS A 74 -20.52 6.38 -9.64
N GLY A 75 -19.63 7.37 -9.45
CA GLY A 75 -19.67 8.22 -8.29
C GLY A 75 -19.21 7.60 -6.99
N TYR A 76 -18.96 6.28 -6.95
CA TYR A 76 -18.58 5.60 -5.71
C TYR A 76 -17.45 6.35 -5.03
N GLY A 77 -17.48 6.27 -3.70
CA GLY A 77 -16.53 6.84 -2.78
C GLY A 77 -15.42 5.90 -2.42
N GLU A 78 -14.49 6.39 -1.62
CA GLU A 78 -13.36 5.58 -1.24
C GLU A 78 -13.86 4.35 -0.57
N HIS A 79 -14.84 4.49 0.27
CA HIS A 79 -15.43 3.36 0.96
C HIS A 79 -16.11 2.36 0.04
N GLU A 80 -16.82 2.87 -0.95
CA GLU A 80 -17.51 2.06 -1.94
C GLU A 80 -16.63 1.39 -3.02
N ALA A 81 -15.49 1.99 -3.32
CA ALA A 81 -14.58 1.48 -4.36
C ALA A 81 -13.86 0.24 -3.82
N ALA A 82 -14.57 -0.88 -3.85
CA ALA A 82 -14.13 -2.16 -3.29
C ALA A 82 -13.81 -3.14 -4.41
N ALA A 83 -12.97 -4.11 -4.10
CA ALA A 83 -12.53 -5.06 -5.12
C ALA A 83 -11.92 -6.30 -4.48
N THR A 84 -11.84 -7.35 -5.28
CA THR A 84 -11.18 -8.60 -4.92
C THR A 84 -10.18 -8.91 -6.02
N VAL A 85 -8.89 -8.97 -5.66
CA VAL A 85 -7.82 -9.21 -6.61
C VAL A 85 -7.01 -10.42 -6.17
N ALA A 86 -6.64 -11.27 -7.11
CA ALA A 86 -5.85 -12.46 -6.82
C ALA A 86 -4.84 -12.69 -7.92
N ILE A 87 -3.63 -13.11 -7.54
CA ILE A 87 -2.58 -13.45 -8.49
C ILE A 87 -2.05 -14.82 -8.14
N ALA A 88 -2.14 -15.75 -9.09
CA ALA A 88 -1.71 -17.12 -8.88
C ALA A 88 -0.66 -17.49 -9.93
N ARG A 89 -0.06 -18.65 -9.76
CA ARG A 89 0.89 -19.17 -10.75
C ARG A 89 0.58 -20.64 -10.98
N ASN A 90 0.29 -20.99 -12.24
CA ASN A 90 -0.06 -22.36 -12.57
C ASN A 90 1.16 -23.27 -12.43
N GLU A 91 0.90 -24.57 -12.49
CA GLU A 91 1.99 -25.55 -12.40
C GLU A 91 2.97 -25.42 -13.56
N ASP A 92 2.47 -25.05 -14.73
CA ASP A 92 3.32 -24.89 -15.91
C ASP A 92 4.12 -23.59 -15.89
N GLY A 93 3.96 -22.77 -14.86
CA GLY A 93 4.67 -21.52 -14.75
C GLY A 93 3.92 -20.29 -15.22
N HIS A 94 2.75 -20.44 -15.83
CA HIS A 94 2.00 -19.28 -16.28
C HIS A 94 1.33 -18.60 -15.09
N TYR A 95 1.42 -17.27 -15.05
CA TYR A 95 0.73 -16.51 -14.02
C TYR A 95 -0.73 -16.31 -14.39
N VAL A 96 -1.57 -16.21 -13.36
CA VAL A 96 -3.01 -15.98 -13.52
C VAL A 96 -3.35 -14.76 -12.68
N VAL A 97 -3.90 -13.72 -13.31
CA VAL A 97 -4.26 -12.51 -12.59
C VAL A 97 -5.78 -12.37 -12.69
N SER A 98 -6.46 -12.35 -11.53
CA SER A 98 -7.91 -12.28 -11.48
C SER A 98 -8.37 -11.12 -10.61
N ALA A 99 -9.40 -10.41 -11.07
CA ALA A 99 -9.96 -9.30 -10.31
C ALA A 99 -11.48 -9.29 -10.46
N GLY A 100 -12.15 -8.89 -9.38
CA GLY A 100 -13.60 -8.85 -9.36
C GLY A 100 -14.09 -7.61 -8.64
N ASN A 101 -15.26 -7.13 -9.06
CA ASN A 101 -15.85 -5.95 -8.44
C ASN A 101 -17.36 -5.96 -8.68
N LEU A 102 -18.08 -5.19 -7.87
CA LEU A 102 -19.52 -5.06 -8.01
C LEU A 102 -19.84 -3.99 -9.06
N VAL A 103 -20.79 -4.32 -9.93
CA VAL A 103 -21.17 -3.45 -11.05
C VAL A 103 -22.68 -3.37 -11.12
N GLU A 104 -23.17 -2.33 -11.78
CA GLU A 104 -24.58 -2.29 -12.15
C GLU A 104 -24.87 -3.41 -13.13
N ARG A 105 -26.10 -3.94 -13.07
CA ARG A 105 -26.38 -5.18 -13.76
C ARG A 105 -26.32 -5.00 -15.28
N ASP A 106 -26.80 -3.86 -15.78
CA ASP A 106 -26.70 -3.61 -17.22
C ASP A 106 -25.25 -3.45 -17.63
N ASP A 107 -24.42 -2.83 -16.79
CA ASP A 107 -23.00 -2.71 -17.08
C ASP A 107 -22.33 -4.07 -17.12
N GLY A 108 -22.69 -4.96 -16.18
CA GLY A 108 -22.04 -6.25 -16.12
C GLY A 108 -22.36 -7.12 -17.32
N GLN A 109 -23.60 -7.09 -17.78
CA GLN A 109 -23.99 -7.88 -18.95
C GLN A 109 -23.30 -7.38 -20.21
N SER A 110 -23.24 -6.06 -20.40
CA SER A 110 -22.55 -5.51 -21.56
C SER A 110 -21.05 -5.79 -21.50
N LEU A 111 -20.50 -5.93 -20.29
CA LEU A 111 -19.07 -6.20 -20.16
C LEU A 111 -18.73 -7.62 -20.59
N VAL A 112 -19.55 -8.61 -20.18
CA VAL A 112 -19.24 -9.98 -20.53
C VAL A 112 -19.42 -10.19 -22.04
N ARG A 113 -20.35 -9.46 -22.66
CA ARG A 113 -20.49 -9.51 -24.12
C ARG A 113 -19.21 -9.04 -24.81
N SER A 114 -18.70 -7.88 -24.40
CA SER A 114 -17.49 -7.36 -25.02
C SER A 114 -16.31 -8.32 -24.85
N ILE A 115 -16.23 -8.98 -23.71
CA ILE A 115 -15.13 -9.93 -23.50
C ILE A 115 -15.34 -11.18 -24.34
N GLN A 116 -16.59 -11.67 -24.43
CA GLN A 116 -16.86 -12.81 -25.30
C GLN A 116 -16.56 -12.45 -26.76
N ALA A 117 -16.75 -11.18 -27.13
CA ALA A 117 -16.41 -10.74 -28.48
C ALA A 117 -14.90 -10.60 -28.66
N ILE A 118 -14.17 -10.44 -27.55
CA ILE A 118 -12.72 -10.30 -27.59
C ILE A 118 -12.01 -11.65 -27.60
N ALA A 119 -12.58 -12.65 -26.92
CA ALA A 119 -11.84 -13.86 -26.60
C ALA A 119 -11.39 -14.62 -27.85
N ASN A 120 -12.18 -14.57 -28.91
CA ASN A 120 -11.97 -15.44 -30.05
C ASN A 120 -11.14 -14.79 -31.17
N LEU A 121 -10.70 -13.55 -31.01
CA LEU A 121 -9.86 -12.93 -32.01
C LEU A 121 -8.41 -13.38 -31.87
N ASP A 122 -7.73 -13.55 -33.00
CA ASP A 122 -6.33 -13.94 -32.97
C ASP A 122 -5.47 -12.70 -32.68
N LYS A 123 -4.17 -12.91 -32.55
CA LYS A 123 -3.28 -11.82 -32.15
C LYS A 123 -3.31 -10.67 -33.15
N ALA A 124 -3.42 -10.98 -34.44
CA ALA A 124 -3.44 -9.94 -35.46
C ALA A 124 -4.74 -9.13 -35.39
N ALA A 125 -5.86 -9.81 -35.12
CA ALA A 125 -7.13 -9.09 -35.00
C ALA A 125 -7.18 -8.25 -33.74
N LEU A 126 -6.59 -8.75 -32.65
CA LEU A 126 -6.50 -7.97 -31.42
C LEU A 126 -5.66 -6.72 -31.63
N LYS A 127 -4.54 -6.84 -32.36
CA LYS A 127 -3.70 -5.68 -32.62
C LYS A 127 -4.45 -4.62 -33.42
N ALA A 128 -5.16 -5.05 -34.48
CA ALA A 128 -5.90 -4.10 -35.30
C ALA A 128 -6.96 -3.38 -34.48
N ALA A 129 -7.73 -4.13 -33.69
CA ALA A 129 -8.75 -3.50 -32.84
C ALA A 129 -8.10 -2.59 -31.80
N TYR A 130 -6.95 -3.00 -31.27
CA TYR A 130 -6.21 -2.12 -30.37
C TYR A 130 -5.77 -0.84 -31.07
N LYS A 131 -5.09 -1.00 -32.21
CA LYS A 131 -4.61 0.16 -32.96
C LYS A 131 -5.74 1.06 -33.40
N GLU A 132 -6.93 0.48 -33.64
CA GLU A 132 -8.08 1.31 -34.03
C GLU A 132 -8.66 2.04 -32.85
N GLN A 133 -8.62 1.45 -31.65
CA GLN A 133 -9.12 2.14 -30.47
C GLN A 133 -8.13 3.19 -29.97
N LEU A 134 -6.89 3.16 -30.46
CA LEU A 134 -5.95 4.26 -30.24
C LEU A 134 -6.36 5.55 -30.93
N ARG A 135 -7.16 5.47 -31.98
CA ARG A 135 -7.55 6.66 -32.74
C ARG A 135 -8.99 7.07 -32.52
N GLY A 145 -18.54 -1.85 -25.64
CA GLY A 145 -17.41 -1.84 -26.54
C GLY A 145 -16.07 -1.92 -25.83
N ALA A 146 -15.22 -2.83 -26.28
CA ALA A 146 -13.94 -3.07 -25.65
C ALA A 146 -12.92 -2.00 -26.04
N GLY A 147 -12.20 -1.49 -25.05
CA GLY A 147 -11.19 -0.48 -25.25
C GLY A 147 -9.79 -0.99 -25.03
N LEU A 148 -8.86 -0.04 -24.91
CA LEU A 148 -7.43 -0.39 -24.88
C LEU A 148 -7.09 -1.31 -23.72
N GLY A 149 -7.70 -1.10 -22.56
CA GLY A 149 -7.39 -1.90 -21.39
C GLY A 149 -7.68 -3.38 -21.58
N LEU A 150 -8.94 -3.71 -21.85
CA LEU A 150 -9.31 -5.11 -22.08
C LEU A 150 -8.59 -5.66 -23.30
N LEU A 151 -8.39 -4.81 -24.33
CA LEU A 151 -7.66 -5.27 -25.51
C LEU A 151 -6.19 -5.52 -25.19
N ASP A 152 -5.60 -4.71 -24.30
CA ASP A 152 -4.21 -4.95 -23.94
C ASP A 152 -4.06 -6.20 -23.11
N ILE A 153 -5.00 -6.44 -22.18
CA ILE A 153 -4.96 -7.64 -21.36
C ILE A 153 -5.15 -8.87 -22.24
N ALA A 154 -6.07 -8.80 -23.19
CA ALA A 154 -6.27 -9.92 -24.10
C ALA A 154 -5.03 -10.18 -24.95
N ARG A 155 -4.37 -9.12 -25.40
CA ARG A 155 -3.17 -9.29 -26.22
C ARG A 155 -2.02 -9.92 -25.42
N LYS A 156 -1.94 -9.61 -24.12
CA LYS A 156 -0.85 -10.11 -23.28
C LYS A 156 -1.12 -11.50 -22.72
N SER A 157 -2.31 -12.05 -22.96
CA SER A 157 -2.68 -13.36 -22.42
C SER A 157 -2.26 -14.48 -23.38
N SER A 158 -1.91 -15.62 -22.79
CA SER A 158 -1.66 -16.85 -23.53
C SER A 158 -2.90 -17.72 -23.69
N GLU A 159 -4.01 -17.33 -23.06
CA GLU A 159 -5.30 -18.01 -23.15
C GLU A 159 -6.37 -16.95 -23.36
N PRO A 160 -7.53 -17.33 -23.89
CA PRO A 160 -8.61 -16.34 -24.06
C PRO A 160 -9.07 -15.78 -22.72
N LEU A 161 -9.36 -14.47 -22.71
CA LEU A 161 -9.88 -13.83 -21.52
C LEU A 161 -11.18 -14.50 -21.09
N ALA A 162 -11.32 -14.73 -19.79
CA ALA A 162 -12.51 -15.33 -19.21
C ALA A 162 -13.16 -14.38 -18.23
N ALA A 163 -14.49 -14.28 -18.30
CA ALA A 163 -15.24 -13.42 -17.41
C ALA A 163 -16.48 -14.18 -16.94
N SER A 164 -16.99 -13.78 -15.79
CA SER A 164 -18.23 -14.32 -15.27
C SER A 164 -18.96 -13.22 -14.53
N LEU A 165 -20.25 -13.45 -14.27
CA LEU A 165 -21.08 -12.44 -13.65
C LEU A 165 -22.09 -13.12 -12.75
N LYS A 166 -22.11 -12.75 -11.49
CA LYS A 166 -23.04 -13.31 -10.51
C LYS A 166 -24.06 -12.22 -10.22
N GLU A 167 -25.20 -12.30 -10.90
CA GLU A 167 -26.24 -11.30 -10.77
C GLU A 167 -26.91 -11.39 -9.40
N GLN A 168 -27.60 -10.32 -9.03
CA GLN A 168 -28.26 -10.27 -7.73
C GLN A 168 -29.47 -9.34 -7.82
N PRO A 169 -30.59 -9.70 -7.19
CA PRO A 169 -31.76 -8.81 -7.18
C PRO A 169 -31.54 -7.51 -6.41
N ASP A 170 -30.29 -7.25 -6.01
CA ASP A 170 -29.89 -5.94 -5.55
C ASP A 170 -29.86 -4.91 -6.67
N GLY A 171 -29.91 -5.37 -7.92
CA GLY A 171 -29.58 -4.53 -9.06
C GLY A 171 -28.10 -4.48 -9.36
N ARG A 172 -27.25 -4.96 -8.45
CA ARG A 172 -25.81 -4.94 -8.60
C ARG A 172 -25.29 -6.36 -8.74
N ALA A 173 -24.31 -6.54 -9.63
CA ALA A 173 -23.74 -7.84 -9.91
C ALA A 173 -22.25 -7.85 -9.56
N PHE A 174 -21.72 -9.05 -9.31
CA PHE A 174 -20.30 -9.24 -9.07
C PHE A 174 -19.67 -9.72 -10.38
N PHE A 175 -18.85 -8.86 -10.98
CA PHE A 175 -18.12 -9.17 -12.21
C PHE A 175 -16.72 -9.66 -11.82
N SER A 176 -16.28 -10.75 -12.43
CA SER A 176 -14.95 -11.30 -12.17
C SER A 176 -14.28 -11.62 -13.50
N LEU A 177 -13.01 -11.21 -13.62
CA LEU A 177 -12.23 -11.33 -14.84
C LEU A 177 -10.92 -12.03 -14.52
N ARG A 178 -10.47 -12.91 -15.40
CA ARG A 178 -9.19 -13.57 -15.21
C ARG A 178 -8.43 -13.62 -16.52
N ALA A 179 -7.12 -13.38 -16.42
CA ALA A 179 -6.21 -13.48 -17.54
C ALA A 179 -5.11 -14.48 -17.19
N VAL A 180 -4.70 -15.26 -18.18
CA VAL A 180 -3.57 -16.17 -18.04
C VAL A 180 -2.42 -15.59 -18.85
N ILE A 181 -1.32 -15.27 -18.18
CA ILE A 181 -0.17 -14.68 -18.83
C ILE A 181 0.84 -15.77 -19.19
N SER B 1 -12.26 -19.40 -16.57
CA SER B 1 -13.59 -19.49 -15.96
C SER B 1 -13.49 -20.14 -14.59
N GLU B 3 -11.00 -19.90 -12.66
CA GLU B 3 -10.48 -18.84 -11.80
C GLU B 3 -11.53 -17.78 -11.52
N THR B 4 -12.44 -17.51 -12.46
CA THR B 4 -13.47 -16.51 -12.20
C THR B 4 -14.53 -17.06 -11.25
N LEU B 5 -14.88 -18.34 -11.38
CA LEU B 5 -15.80 -18.96 -10.44
C LEU B 5 -15.21 -19.01 -9.04
N ASP B 6 -13.93 -19.39 -8.92
CA ASP B 6 -13.29 -19.44 -7.62
C ASP B 6 -13.16 -18.06 -7.00
N LEU B 7 -12.90 -17.04 -7.83
CA LEU B 7 -12.94 -15.66 -7.35
C LEU B 7 -14.31 -15.31 -6.80
N LEU B 8 -15.37 -15.86 -7.40
CA LEU B 8 -16.71 -15.63 -6.86
C LEU B 8 -16.92 -16.40 -5.56
N ALA B 9 -16.40 -17.63 -5.50
CA ALA B 9 -16.54 -18.42 -4.27
C ALA B 9 -15.81 -17.77 -3.11
N ARG B 11 -15.20 -14.37 -2.83
CA ARG B 11 -15.96 -13.18 -2.48
C ARG B 11 -17.18 -13.52 -1.65
N GLU B 12 -17.85 -14.64 -1.95
CA GLU B 12 -19.02 -15.03 -1.18
C GLU B 12 -18.62 -15.52 0.21
N SER B 13 -17.49 -16.22 0.31
CA SER B 13 -17.00 -16.64 1.63
C SER B 13 -16.64 -15.43 2.49
N TYR B 14 -16.05 -14.40 1.89
CA TYR B 14 -15.76 -13.18 2.66
C TYR B 14 -17.04 -12.51 3.15
N THR B 15 -18.10 -12.54 2.34
CA THR B 15 -19.39 -11.99 2.77
C THR B 15 -19.95 -12.76 3.97
N ARG B 16 -19.92 -14.09 3.90
CA ARG B 16 -20.46 -14.88 4.99
C ARG B 16 -19.68 -14.66 6.28
N GLN B 17 -18.42 -14.28 6.19
CA GLN B 17 -17.60 -14.01 7.37
C GLN B 17 -17.63 -12.56 7.79
N ARG B 18 -18.36 -11.70 7.07
CA ARG B 18 -18.42 -10.27 7.36
C ARG B 18 -17.02 -9.66 7.36
N ILE B 19 -16.18 -10.11 6.42
CA ILE B 19 -14.82 -9.62 6.31
C ILE B 19 -14.84 -8.27 5.61
N LEU B 20 -14.21 -7.27 6.24
CA LEU B 20 -14.12 -5.94 5.64
C LEU B 20 -12.87 -5.82 4.77
N LEU B 21 -11.73 -6.32 5.27
CA LEU B 21 -10.45 -6.32 4.58
C LEU B 21 -9.76 -7.64 4.86
N CYS B 22 -9.02 -8.12 3.86
CA CYS B 22 -8.17 -9.28 4.07
C CYS B 22 -7.08 -9.27 3.01
N PHE B 23 -5.88 -9.68 3.43
CA PHE B 23 -4.72 -9.71 2.57
C PHE B 23 -3.95 -10.99 2.85
N ASN B 24 -3.35 -11.54 1.80
CA ASN B 24 -2.51 -12.73 1.90
C ASN B 24 -1.35 -12.55 0.95
N GLY B 25 -0.13 -12.71 1.46
CA GLY B 25 1.05 -12.60 0.66
C GLY B 25 2.18 -11.95 1.42
N PRO B 26 3.30 -11.69 0.72
CA PRO B 26 4.41 -10.97 1.35
C PRO B 26 3.94 -9.61 1.82
N ILE B 27 4.33 -9.26 3.04
CA ILE B 27 3.84 -8.06 3.70
C ILE B 27 5.03 -7.21 4.12
N SER B 28 5.13 -6.01 3.56
CA SER B 28 6.23 -5.09 3.80
C SER B 28 5.80 -3.98 4.75
N ARG B 29 6.75 -3.14 5.09
CA ARG B 29 6.46 -2.02 5.94
C ARG B 29 5.44 -1.09 5.32
N SER B 30 5.60 -0.77 4.03
CA SER B 30 4.68 0.16 3.38
C SER B 30 3.31 -0.48 3.14
N LEU B 31 3.27 -1.79 2.94
CA LEU B 31 1.97 -2.46 2.78
C LEU B 31 1.20 -2.48 4.09
N ILE B 32 1.89 -2.67 5.22
CA ILE B 32 1.22 -2.60 6.52
C ILE B 32 0.50 -1.28 6.67
N GLU B 33 1.19 -0.19 6.34
CA GLU B 33 0.65 1.15 6.53
C GLU B 33 -0.48 1.44 5.58
N GLU B 34 -0.36 1.01 4.32
CA GLU B 34 -1.40 1.33 3.34
C GLU B 34 -2.68 0.55 3.63
N ILE B 35 -2.54 -0.70 4.07
CA ILE B 35 -3.71 -1.45 4.52
C ILE B 35 -4.25 -0.84 5.81
N GLY B 36 -3.37 -0.38 6.70
CA GLY B 36 -3.83 0.33 7.88
C GLY B 36 -4.62 1.58 7.56
N HIS B 37 -4.31 2.24 6.45
CA HIS B 37 -5.06 3.43 6.06
C HIS B 37 -6.44 3.05 5.55
N ALA B 38 -6.53 1.97 4.78
CA ALA B 38 -7.83 1.46 4.38
C ALA B 38 -8.67 1.13 5.61
N LEU B 39 -8.05 0.52 6.61
CA LEU B 39 -8.74 0.22 7.85
C LEU B 39 -9.23 1.49 8.53
N ARG B 40 -8.38 2.52 8.62
CA ARG B 40 -8.77 3.75 9.28
C ARG B 40 -9.91 4.45 8.54
N ASN B 41 -9.89 4.42 7.20
CA ASN B 41 -11.02 4.97 6.44
C ASN B 41 -12.29 4.17 6.69
N TYR B 42 -12.18 2.84 6.71
CA TYR B 42 -13.37 2.02 6.93
C TYR B 42 -13.95 2.27 8.32
N LEU B 43 -13.10 2.41 9.35
CA LEU B 43 -13.59 2.68 10.69
C LEU B 43 -14.31 4.03 10.76
N HIS B 44 -13.79 5.04 10.06
CA HIS B 44 -14.47 6.33 10.02
C HIS B 44 -15.79 6.24 9.27
N ALA B 45 -15.82 5.52 8.15
CA ALA B 45 -17.04 5.41 7.36
C ALA B 45 -18.12 4.66 8.12
N GLU B 46 -17.74 3.77 9.04
CA GLU B 46 -18.70 3.08 9.90
C GLU B 46 -18.90 3.82 11.22
N GLN B 47 -18.42 5.07 11.31
CA GLN B 47 -18.62 5.92 12.49
C GLN B 47 -18.20 5.19 13.75
N ALA B 48 -17.05 4.52 13.69
CA ALA B 48 -16.51 3.89 14.88
C ALA B 48 -16.20 4.97 15.90
N LYS B 49 -16.57 4.71 17.13
CA LYS B 49 -16.23 5.61 18.22
C LYS B 49 -14.70 5.74 18.29
N PRO B 50 -14.17 6.93 18.57
CA PRO B 50 -12.73 7.18 18.41
C PRO B 50 -11.80 6.22 19.15
N SER B 51 -12.06 5.88 20.41
CA SER B 51 -11.11 4.98 21.07
C SER B 51 -11.25 3.56 20.56
N GLU B 52 -12.45 3.17 20.11
CA GLU B 52 -12.63 1.89 19.46
C GLU B 52 -11.88 1.85 18.13
N ALA B 53 -11.92 2.94 17.38
CA ALA B 53 -11.19 3.02 16.12
C ALA B 53 -9.69 2.91 16.35
N ASP B 55 -8.28 1.26 18.99
CA ASP B 55 -8.05 -0.11 19.46
C ASP B 55 -7.92 -1.09 18.29
N VAL B 56 -8.85 -1.01 17.33
CA VAL B 56 -8.78 -1.89 16.16
C VAL B 56 -7.51 -1.62 15.37
N PHE B 57 -7.18 -0.35 15.16
CA PHE B 57 -5.95 0.01 14.46
C PHE B 57 -4.73 -0.48 15.23
N ALA B 58 -4.71 -0.25 16.55
CA ALA B 58 -3.57 -0.67 17.36
C ALA B 58 -3.39 -2.19 17.32
N VAL B 59 -4.49 -2.94 17.35
CA VAL B 59 -4.37 -4.40 17.33
C VAL B 59 -3.89 -4.88 15.98
N TYR B 60 -4.36 -4.23 14.90
CA TYR B 60 -3.91 -4.59 13.55
C TYR B 60 -2.43 -4.34 13.37
N ILE B 61 -1.94 -3.15 13.76
CA ILE B 61 -0.54 -2.82 13.58
C ILE B 61 0.34 -3.75 14.42
N GLU B 62 -0.06 -3.98 15.68
CA GLU B 62 0.80 -4.77 16.56
C GLU B 62 0.83 -6.23 16.15
N THR B 64 0.50 -7.36 13.02
CA THR B 64 1.24 -7.54 11.77
C THR B 64 2.70 -7.19 11.96
N GLN B 65 3.02 -6.25 12.86
CA GLN B 65 4.42 -5.96 13.13
C GLN B 65 5.08 -7.06 13.95
N ASN B 66 4.30 -7.84 14.71
CA ASN B 66 4.87 -9.03 15.35
C ASN B 66 5.29 -10.06 14.31
N ILE B 67 4.55 -10.15 13.20
CA ILE B 67 4.95 -11.01 12.10
C ILE B 67 6.23 -10.49 11.47
N ARG B 68 6.32 -9.17 11.28
CA ARG B 68 7.54 -8.57 10.76
C ARG B 68 8.73 -8.85 11.69
N HIS B 69 8.53 -8.71 13.00
CA HIS B 69 9.62 -8.92 13.95
C HIS B 69 10.09 -10.37 13.93
N TYR B 70 9.14 -11.31 13.88
CA TYR B 70 9.50 -12.72 13.85
C TYR B 70 10.23 -13.07 12.55
N ALA B 71 9.71 -12.59 11.42
CA ALA B 71 10.33 -12.91 10.13
C ALA B 71 11.75 -12.37 10.05
N ASN B 72 12.00 -11.17 10.60
CA ASN B 72 13.36 -10.62 10.65
C ASN B 72 14.24 -11.46 11.56
N LEU B 73 13.72 -11.81 12.74
CA LEU B 73 14.49 -12.60 13.69
C LEU B 73 14.94 -13.92 13.09
N LYS B 74 14.05 -14.61 12.38
CA LYS B 74 14.39 -15.83 11.68
C LYS B 74 15.11 -15.56 10.37
N GLY B 75 15.57 -14.33 10.14
CA GLY B 75 16.32 -13.98 8.96
C GLY B 75 15.52 -13.87 7.67
N TYR B 76 14.23 -14.25 7.69
CA TYR B 76 13.43 -14.23 6.47
C TYR B 76 13.54 -12.89 5.75
N GLY B 77 13.45 -12.92 4.43
CA GLY B 77 13.43 -11.72 3.63
C GLY B 77 12.02 -11.32 3.23
N GLU B 78 11.94 -10.25 2.43
CA GLU B 78 10.65 -9.75 1.99
C GLU B 78 9.85 -10.81 1.24
N HIS B 79 10.53 -11.74 0.58
CA HIS B 79 9.84 -12.81 -0.13
C HIS B 79 9.33 -13.89 0.82
N GLU B 80 10.10 -14.19 1.88
CA GLU B 80 9.69 -15.20 2.83
C GLU B 80 8.85 -14.65 3.97
N ALA B 81 8.87 -13.33 4.19
CA ALA B 81 8.05 -12.68 5.21
C ALA B 81 6.62 -12.58 4.70
N ALA B 82 5.90 -13.69 4.82
CA ALA B 82 4.56 -13.85 4.29
C ALA B 82 3.54 -13.89 5.43
N ALA B 83 2.29 -13.55 5.12
CA ALA B 83 1.27 -13.50 6.16
C ALA B 83 -0.13 -13.49 5.56
N THR B 84 -1.10 -13.83 6.42
CA THR B 84 -2.52 -13.77 6.11
C THR B 84 -3.18 -12.92 7.18
N VAL B 85 -3.80 -11.81 6.78
CA VAL B 85 -4.43 -10.89 7.72
C VAL B 85 -5.88 -10.68 7.30
N ALA B 86 -6.79 -10.67 8.27
CA ALA B 86 -8.22 -10.46 8.00
C ALA B 86 -8.84 -9.61 9.09
N ILE B 87 -9.74 -8.71 8.71
CA ILE B 87 -10.47 -7.89 9.66
C ILE B 87 -11.97 -8.00 9.32
N ALA B 88 -12.75 -8.45 10.29
CA ALA B 88 -14.19 -8.66 10.12
C ALA B 88 -14.95 -7.86 11.17
N ARG B 89 -16.28 -7.87 11.05
CA ARG B 89 -17.12 -7.26 12.07
C ARG B 89 -18.27 -8.22 12.38
N ASN B 90 -18.39 -8.63 13.64
CA ASN B 90 -19.41 -9.57 14.05
C ASN B 90 -20.81 -8.95 13.97
N GLU B 91 -21.81 -9.82 14.18
CA GLU B 91 -23.20 -9.38 14.19
C GLU B 91 -23.47 -8.36 15.28
N ASP B 92 -22.77 -8.47 16.41
CA ASP B 92 -22.95 -7.57 17.54
C ASP B 92 -22.27 -6.22 17.34
N GLY B 93 -21.55 -6.02 16.23
CA GLY B 93 -20.84 -4.78 15.99
C GLY B 93 -19.39 -4.78 16.42
N HIS B 94 -18.93 -5.82 17.12
CA HIS B 94 -17.54 -5.92 17.53
C HIS B 94 -16.65 -6.29 16.35
N TYR B 95 -15.51 -5.62 16.25
CA TYR B 95 -14.54 -5.93 15.21
C TYR B 95 -13.70 -7.14 15.62
N VAL B 96 -13.26 -7.89 14.61
CA VAL B 96 -12.43 -9.07 14.79
C VAL B 96 -11.18 -8.88 13.94
N VAL B 97 -10.01 -8.93 14.57
CA VAL B 97 -8.74 -8.80 13.87
C VAL B 97 -8.01 -10.13 13.96
N SER B 98 -7.73 -10.74 12.82
CA SER B 98 -7.03 -12.02 12.77
C SER B 98 -5.85 -11.95 11.83
N ALA B 99 -4.73 -12.53 12.25
CA ALA B 99 -3.52 -12.57 11.45
C ALA B 99 -2.85 -13.93 11.62
N GLY B 100 -2.24 -14.43 10.55
CA GLY B 100 -1.60 -15.73 10.57
C GLY B 100 -0.30 -15.72 9.80
N ASN B 101 0.62 -16.58 10.23
CA ASN B 101 1.92 -16.67 9.58
C ASN B 101 2.55 -18.03 9.86
N LEU B 102 3.55 -18.37 9.05
CA LEU B 102 4.27 -19.63 9.21
C LEU B 102 5.38 -19.46 10.23
N VAL B 103 5.50 -20.43 11.15
CA VAL B 103 6.50 -20.39 12.21
C VAL B 103 7.15 -21.77 12.32
N GLU B 104 8.32 -21.80 12.94
CA GLU B 104 8.87 -23.09 13.32
C GLU B 104 7.98 -23.75 14.35
N ARG B 105 7.88 -25.07 14.29
CA ARG B 105 6.82 -25.75 15.02
C ARG B 105 7.01 -25.59 16.52
N ASP B 106 8.26 -25.64 16.99
CA ASP B 106 8.53 -25.41 18.40
C ASP B 106 8.22 -23.97 18.79
N ASP B 107 8.51 -23.00 17.91
CA ASP B 107 8.14 -21.63 18.20
C ASP B 107 6.62 -21.48 18.28
N GLY B 108 5.90 -22.14 17.37
CA GLY B 108 4.45 -22.04 17.37
C GLY B 108 3.84 -22.65 18.62
N GLN B 109 4.39 -23.77 19.07
CA GLN B 109 3.87 -24.43 20.27
C GLN B 109 4.10 -23.58 21.50
N SER B 110 5.28 -22.97 21.63
CA SER B 110 5.53 -22.08 22.75
C SER B 110 4.67 -20.82 22.68
N LEU B 111 4.30 -20.41 21.48
CA LEU B 111 3.46 -19.23 21.34
C LEU B 111 2.03 -19.50 21.79
N VAL B 112 1.49 -20.68 21.45
CA VAL B 112 0.12 -20.99 21.85
C VAL B 112 0.02 -21.13 23.36
N ARG B 113 1.02 -21.75 23.98
CA ARG B 113 1.07 -21.81 25.44
C ARG B 113 1.09 -20.42 26.07
N SER B 114 1.84 -19.50 25.46
CA SER B 114 1.94 -18.15 26.02
C SER B 114 0.61 -17.40 25.91
N ILE B 115 -0.11 -17.58 24.80
CA ILE B 115 -1.40 -16.90 24.65
C ILE B 115 -2.44 -17.53 25.56
N GLN B 116 -2.40 -18.86 25.70
CA GLN B 116 -3.32 -19.53 26.61
C GLN B 116 -3.11 -19.08 28.05
N ALA B 117 -1.87 -18.75 28.42
CA ALA B 117 -1.61 -18.32 29.79
C ALA B 117 -2.05 -16.89 30.07
N ILE B 118 -2.06 -16.03 29.05
CA ILE B 118 -2.48 -14.64 29.27
C ILE B 118 -3.98 -14.45 29.04
N ALA B 119 -4.61 -15.31 28.23
CA ALA B 119 -5.94 -15.01 27.69
C ALA B 119 -6.98 -14.84 28.80
N ASN B 120 -6.86 -15.58 29.89
CA ASN B 120 -7.92 -15.66 30.89
C ASN B 120 -7.71 -14.73 32.09
N LEU B 121 -6.64 -13.94 32.10
CA LEU B 121 -6.38 -13.01 33.19
C LEU B 121 -7.25 -11.75 33.02
N ASP B 122 -7.65 -11.17 34.14
CA ASP B 122 -8.49 -9.98 34.08
C ASP B 122 -7.64 -8.76 33.75
N LYS B 123 -8.32 -7.61 33.58
CA LYS B 123 -7.65 -6.40 33.11
C LYS B 123 -6.58 -5.92 34.09
N ALA B 124 -6.83 -6.10 35.40
CA ALA B 124 -5.85 -5.66 36.38
C ALA B 124 -4.57 -6.49 36.33
N ALA B 125 -4.71 -7.80 36.11
CA ALA B 125 -3.52 -8.64 35.98
C ALA B 125 -2.81 -8.41 34.66
N LEU B 126 -3.57 -8.21 33.58
CA LEU B 126 -2.95 -7.88 32.29
C LEU B 126 -2.19 -6.57 32.37
N LYS B 127 -2.75 -5.57 33.05
CA LYS B 127 -2.06 -4.30 33.22
C LYS B 127 -0.77 -4.48 33.99
N ALA B 128 -0.83 -5.21 35.10
CA ALA B 128 0.36 -5.43 35.93
C ALA B 128 1.45 -6.15 35.13
N ALA B 129 1.07 -7.23 34.44
CA ALA B 129 2.03 -7.93 33.59
C ALA B 129 2.52 -7.03 32.47
N TYR B 130 1.63 -6.19 31.92
CA TYR B 130 2.09 -5.20 30.96
C TYR B 130 3.09 -4.26 31.61
N LYS B 131 2.68 -3.62 32.71
CA LYS B 131 3.54 -2.66 33.39
C LYS B 131 4.87 -3.26 33.80
N GLU B 132 4.88 -4.57 34.07
CA GLU B 132 6.12 -5.23 34.45
C GLU B 132 7.05 -5.45 33.26
N GLN B 133 6.49 -5.68 32.07
CA GLN B 133 7.32 -5.84 30.90
C GLN B 133 7.86 -4.51 30.39
N LEU B 134 7.37 -3.38 30.91
CA LEU B 134 7.96 -2.07 30.64
C LEU B 134 9.36 -1.94 31.21
N ARG B 135 9.70 -2.70 32.27
CA ARG B 135 10.96 -2.51 32.97
C ARG B 135 11.89 -3.69 32.72
N GLY B 145 7.13 -16.51 26.22
CA GLY B 145 6.71 -15.51 27.19
C GLY B 145 6.08 -14.29 26.53
N ALA B 146 4.92 -13.89 27.03
CA ALA B 146 4.16 -12.80 26.42
C ALA B 146 4.76 -11.45 26.77
N GLY B 147 4.89 -10.58 25.76
CA GLY B 147 5.43 -9.26 25.92
C GLY B 147 4.40 -8.18 25.72
N LEU B 148 4.90 -6.94 25.56
CA LEU B 148 4.03 -5.78 25.50
C LEU B 148 3.05 -5.88 24.34
N GLY B 149 3.48 -6.44 23.21
CA GLY B 149 2.63 -6.55 22.05
C GLY B 149 1.41 -7.41 22.29
N LEU B 150 1.65 -8.69 22.66
CA LEU B 150 0.54 -9.60 22.94
C LEU B 150 -0.28 -9.12 24.14
N LEU B 151 0.37 -8.54 25.14
CA LEU B 151 -0.37 -8.06 26.30
C LEU B 151 -1.25 -6.87 25.95
N ASP B 152 -0.81 -6.00 25.04
CA ASP B 152 -1.64 -4.88 24.65
C ASP B 152 -2.86 -5.34 23.87
N ILE B 153 -2.68 -6.32 22.99
CA ILE B 153 -3.81 -6.87 22.24
C ILE B 153 -4.81 -7.51 23.20
N ALA B 154 -4.32 -8.26 24.18
CA ALA B 154 -5.20 -8.86 25.18
C ALA B 154 -5.89 -7.79 26.01
N ARG B 155 -5.17 -6.71 26.35
CA ARG B 155 -5.77 -5.63 27.15
C ARG B 155 -6.88 -4.91 26.39
N LYS B 156 -6.72 -4.75 25.09
CA LYS B 156 -7.68 -4.01 24.26
C LYS B 156 -8.84 -4.87 23.77
N SER B 157 -8.81 -6.17 24.05
CA SER B 157 -9.83 -7.08 23.57
C SER B 157 -11.01 -7.13 24.52
N SER B 158 -12.21 -7.33 23.93
CA SER B 158 -13.42 -7.56 24.71
C SER B 158 -13.67 -9.04 24.98
N GLU B 159 -12.88 -9.92 24.38
CA GLU B 159 -12.95 -11.35 24.58
C GLU B 159 -11.54 -11.90 24.75
N PRO B 160 -11.39 -13.08 25.36
CA PRO B 160 -10.06 -13.66 25.53
C PRO B 160 -9.39 -13.95 24.18
N LEU B 161 -8.08 -13.71 24.13
CA LEU B 161 -7.30 -13.98 22.93
C LEU B 161 -7.38 -15.47 22.57
N ALA B 162 -7.55 -15.74 21.28
CA ALA B 162 -7.62 -17.10 20.77
C ALA B 162 -6.48 -17.32 19.77
N ALA B 163 -5.83 -18.47 19.88
CA ALA B 163 -4.73 -18.82 18.99
C ALA B 163 -4.89 -20.27 18.54
N SER B 164 -4.31 -20.58 17.37
CA SER B 164 -4.31 -21.94 16.86
C SER B 164 -3.03 -22.19 16.07
N LEU B 165 -2.74 -23.47 15.83
CA LEU B 165 -1.51 -23.88 15.16
C LEU B 165 -1.80 -25.13 14.33
N LYS B 166 -1.49 -25.08 13.05
CA LYS B 166 -1.68 -26.20 12.13
C LYS B 166 -0.34 -26.82 11.77
N GLU B 167 -0.26 -28.14 11.86
CA GLU B 167 0.96 -28.90 11.55
C GLU B 167 2.10 -28.54 12.49
N ARG B 172 7.07 -26.44 8.72
CA ARG B 172 6.76 -25.21 9.44
C ARG B 172 5.26 -25.06 9.64
N ALA B 173 4.87 -24.67 10.85
CA ALA B 173 3.46 -24.61 11.23
C ALA B 173 2.85 -23.27 10.88
N PHE B 174 1.52 -23.27 10.74
CA PHE B 174 0.76 -22.04 10.49
C PHE B 174 0.12 -21.58 11.81
N PHE B 175 0.62 -20.46 12.33
CA PHE B 175 0.10 -19.87 13.55
C PHE B 175 -0.94 -18.81 13.20
N SER B 176 -2.07 -18.82 13.91
CA SER B 176 -3.15 -17.86 13.71
C SER B 176 -3.61 -17.30 15.03
N LEU B 177 -3.84 -15.98 15.06
CA LEU B 177 -4.23 -15.25 16.25
C LEU B 177 -5.51 -14.47 15.95
N ARG B 178 -6.42 -14.43 16.92
CA ARG B 178 -7.72 -13.80 16.73
C ARG B 178 -8.07 -12.97 17.96
N ALA B 179 -8.27 -11.67 17.76
CA ALA B 179 -8.72 -10.76 18.82
C ALA B 179 -10.08 -10.17 18.46
N VAL B 180 -10.94 -10.04 19.48
CA VAL B 180 -12.21 -9.35 19.35
C VAL B 180 -12.13 -8.05 20.14
N ILE B 181 -12.34 -6.93 19.46
CA ILE B 181 -12.26 -5.62 20.10
C ILE B 181 -13.65 -5.19 20.53
N SER C 1 15.58 28.54 -16.53
CA SER C 1 14.60 27.58 -16.05
C SER C 1 13.18 28.02 -16.37
N SER C 3 11.55 28.98 -19.26
CA SER C 3 10.93 28.26 -20.37
C SER C 3 11.15 26.76 -20.29
N ASP C 4 11.87 26.28 -19.28
CA ASP C 4 12.19 24.87 -19.16
C ASP C 4 11.07 24.12 -18.43
N LEU C 5 11.27 22.82 -18.28
CA LEU C 5 10.31 21.95 -17.63
C LEU C 5 11.11 20.89 -16.89
N HIS C 6 11.04 20.89 -15.56
CA HIS C 6 11.75 19.92 -14.73
C HIS C 6 10.75 19.29 -13.78
N ILE C 7 10.40 18.03 -14.03
CA ILE C 7 9.44 17.29 -13.22
C ILE C 7 10.14 16.07 -12.62
N PRO C 8 10.25 15.96 -11.30
CA PRO C 8 10.86 14.76 -10.71
C PRO C 8 9.96 13.56 -10.89
N GLY C 9 10.61 12.39 -10.98
CA GLY C 9 9.88 11.15 -11.14
C GLY C 9 9.43 10.57 -9.81
N THR C 10 8.40 9.72 -9.89
CA THR C 10 7.96 8.95 -8.74
C THR C 10 7.86 7.48 -9.11
N GLN C 11 7.29 6.68 -8.21
CA GLN C 11 7.12 5.26 -8.45
C GLN C 11 6.17 5.00 -9.62
N SER C 12 5.17 5.85 -9.82
CA SER C 12 4.18 5.61 -10.87
C SER C 12 4.17 6.65 -11.97
N THR C 13 5.06 7.66 -11.93
CA THR C 13 5.12 8.69 -12.95
C THR C 13 6.56 8.92 -13.37
N PRO C 14 6.80 9.19 -14.64
CA PRO C 14 8.18 9.35 -15.13
C PRO C 14 8.76 10.72 -14.77
N ALA C 15 10.08 10.77 -14.74
CA ALA C 15 10.79 12.04 -14.65
C ALA C 15 10.91 12.68 -16.02
N ILE C 16 10.73 14.00 -16.08
CA ILE C 16 10.60 14.71 -17.35
C ILE C 16 11.48 15.96 -17.32
N GLN C 17 12.24 16.18 -18.40
CA GLN C 17 13.06 17.37 -18.56
C GLN C 17 12.74 17.98 -19.91
N GLY C 18 12.22 19.20 -19.90
CA GLY C 18 12.05 19.95 -21.13
C GLY C 18 13.08 21.06 -21.23
N ASP C 19 14.08 20.88 -22.09
CA ASP C 19 15.14 21.88 -22.28
C ASP C 19 14.72 22.74 -23.46
N TRP C 20 14.25 23.96 -23.16
CA TRP C 20 13.72 24.83 -24.21
C TRP C 20 14.79 25.24 -25.21
N GLN C 21 15.97 25.65 -24.74
CA GLN C 21 16.97 26.17 -25.66
C GLN C 21 17.63 25.06 -26.47
N ALA C 22 17.80 23.88 -25.87
CA ALA C 22 18.37 22.75 -26.60
C ALA C 22 17.34 22.07 -27.51
N GLY C 23 16.06 22.38 -27.34
CA GLY C 23 15.05 21.69 -28.13
C GLY C 23 14.99 20.20 -27.85
N ARG C 24 15.07 19.81 -26.58
CA ARG C 24 15.09 18.42 -26.18
C ARG C 24 14.07 18.18 -25.10
N LEU C 25 13.31 17.09 -25.24
CA LEU C 25 12.34 16.65 -24.24
C LEU C 25 12.70 15.22 -23.85
N SER C 26 13.05 15.02 -22.59
CA SER C 26 13.49 13.72 -22.11
C SER C 26 12.55 13.19 -21.03
N GLN C 28 12.04 9.53 -18.37
CA GLN C 28 12.53 8.25 -17.90
C GLN C 28 11.60 7.66 -16.84
N GLY C 29 11.42 6.34 -16.88
CA GLY C 29 10.72 5.63 -15.81
C GLY C 29 9.41 5.00 -16.27
N ASP C 30 8.73 4.40 -15.31
CA ASP C 30 7.38 3.90 -15.58
C ASP C 30 6.39 5.07 -15.58
N SER C 31 5.20 4.81 -16.11
CA SER C 31 4.15 5.82 -16.15
C SER C 31 2.81 5.11 -16.03
N TYR C 32 2.29 5.03 -14.80
CA TYR C 32 0.93 4.50 -14.69
C TYR C 32 0.08 5.28 -13.69
N PRO C 33 0.00 6.60 -13.81
CA PRO C 33 -0.92 7.34 -12.95
C PRO C 33 -2.36 7.11 -13.37
N GLU C 34 -3.27 7.38 -12.43
CA GLU C 34 -4.69 7.17 -12.67
C GLU C 34 -5.23 8.18 -13.68
N ASN C 35 -4.79 9.42 -13.59
CA ASN C 35 -5.18 10.47 -14.54
C ASN C 35 -3.90 10.99 -15.15
N SER C 36 -3.53 10.47 -16.32
CA SER C 36 -2.26 10.82 -16.93
C SER C 36 -2.25 12.27 -17.42
N TYR C 37 -3.42 12.88 -17.64
CA TYR C 37 -3.42 14.25 -18.14
C TYR C 37 -3.19 15.29 -17.05
N GLU C 38 -3.40 14.92 -15.78
CA GLU C 38 -2.78 15.69 -14.70
C GLU C 38 -1.26 15.71 -14.76
N LEU C 39 -0.65 14.70 -15.34
CA LEU C 39 0.80 14.74 -15.52
C LEU C 39 1.20 15.29 -16.89
N PHE C 40 0.63 14.74 -17.96
CA PHE C 40 1.05 15.06 -19.31
C PHE C 40 0.42 16.32 -19.88
N GLY C 41 -0.58 16.90 -19.20
CA GLY C 41 -1.19 18.11 -19.73
C GLY C 41 -0.19 19.21 -19.94
N GLN C 42 0.71 19.42 -18.98
CA GLN C 42 1.72 20.46 -19.12
C GLN C 42 2.80 20.08 -20.12
N VAL C 43 3.08 18.78 -20.28
CA VAL C 43 4.05 18.36 -21.29
C VAL C 43 3.50 18.61 -22.69
N ILE C 44 2.22 18.28 -22.92
CA ILE C 44 1.60 18.56 -24.20
C ILE C 44 1.60 20.06 -24.48
N ASP C 45 1.27 20.86 -23.47
CA ASP C 45 1.31 22.32 -23.64
C ASP C 45 2.72 22.77 -24.01
N TRP C 46 3.73 22.21 -23.34
CA TRP C 46 5.12 22.58 -23.63
C TRP C 46 5.50 22.22 -25.07
N VAL C 47 5.08 21.05 -25.53
CA VAL C 47 5.38 20.64 -26.91
C VAL C 47 4.66 21.55 -27.89
N GLU C 48 3.38 21.82 -27.63
CA GLU C 48 2.61 22.68 -28.53
C GLU C 48 3.23 24.06 -28.63
N ARG C 49 3.68 24.60 -27.51
CA ARG C 49 4.30 25.89 -27.52
C ARG C 49 5.59 25.89 -28.35
N PHE C 50 6.44 24.89 -28.14
CA PHE C 50 7.68 24.80 -28.89
C PHE C 50 7.42 24.71 -30.39
N LEU C 51 6.39 23.96 -30.77
CA LEU C 51 6.08 23.67 -32.16
C LEU C 51 5.22 24.74 -32.85
N ALA C 52 4.65 25.70 -32.11
CA ALA C 52 3.74 26.65 -32.73
C ALA C 52 4.45 27.61 -33.67
N ASP C 53 5.62 28.12 -33.28
CA ASP C 53 6.41 28.94 -34.19
C ASP C 53 7.90 28.69 -33.96
N GLY C 54 8.69 29.18 -34.90
CA GLY C 54 10.10 28.92 -34.98
C GLY C 54 10.39 27.77 -35.92
N GLN C 55 11.68 27.55 -36.15
CA GLN C 55 12.12 26.43 -36.97
C GLN C 55 13.07 25.51 -36.22
N ARG C 56 13.32 25.76 -34.94
CA ARG C 56 14.30 24.99 -34.21
C ARG C 56 13.87 23.53 -34.09
N PRO C 57 14.78 22.58 -34.27
CA PRO C 57 14.42 21.17 -34.14
C PRO C 57 14.01 20.84 -32.72
N LEU C 58 13.11 19.86 -32.60
CA LEU C 58 12.69 19.31 -31.32
C LEU C 58 12.97 17.81 -31.33
N GLU C 59 13.75 17.33 -30.37
CA GLU C 59 14.05 15.91 -30.26
C GLU C 59 13.56 15.36 -28.92
N LEU C 60 12.95 14.18 -28.96
CA LEU C 60 12.47 13.48 -27.79
C LEU C 60 13.40 12.31 -27.49
N ASP C 61 13.92 12.27 -26.27
CA ASP C 61 14.82 11.20 -25.83
C ASP C 61 14.11 10.45 -24.71
N LEU C 62 13.60 9.27 -25.01
CA LEU C 62 12.75 8.52 -24.10
C LEU C 62 13.47 7.31 -23.56
N ARG C 63 13.43 7.14 -22.23
CA ARG C 63 13.82 5.92 -21.55
C ARG C 63 12.64 5.44 -20.72
N LEU C 64 11.47 5.42 -21.36
CA LEU C 64 10.24 5.00 -20.71
C LEU C 64 10.13 3.48 -20.70
N LEU C 65 9.48 2.97 -19.68
CA LEU C 65 9.30 1.55 -19.48
C LEU C 65 7.85 1.10 -19.60
N TYR C 66 7.20 0.81 -18.50
CA TYR C 66 5.81 0.42 -18.57
C TYR C 66 4.91 1.65 -18.59
N LEU C 67 4.05 1.73 -19.61
CA LEU C 67 3.05 2.79 -19.72
C LEU C 67 1.68 2.14 -19.66
N ASN C 68 0.78 2.69 -18.85
CA ASN C 68 -0.59 2.20 -18.80
C ASN C 68 -1.37 2.82 -19.97
N SER C 70 -3.81 5.01 -20.22
CA SER C 70 -3.97 6.46 -20.19
C SER C 70 -2.70 7.18 -20.64
N SER C 71 -1.55 6.69 -20.18
CA SER C 71 -0.29 7.29 -20.60
C SER C 71 -0.04 7.06 -22.09
N ILE C 72 -0.50 5.94 -22.63
CA ILE C 72 -0.30 5.67 -24.06
C ILE C 72 -1.13 6.64 -24.89
N LYS C 73 -2.34 6.95 -24.45
CA LYS C 73 -3.14 7.96 -25.14
C LYS C 73 -2.45 9.32 -25.09
N ALA C 74 -1.99 9.72 -23.89
CA ALA C 74 -1.29 10.99 -23.77
C ALA C 74 -0.03 11.03 -24.62
N ASP C 77 -0.95 11.65 -28.16
CA ASP C 77 -1.21 13.07 -28.36
C ASP C 77 0.07 13.85 -28.60
N ILE C 78 1.14 13.50 -27.87
CA ILE C 78 2.42 14.17 -28.09
C ILE C 78 2.96 13.87 -29.47
N LEU C 79 2.91 12.60 -29.88
CA LEU C 79 3.45 12.23 -31.19
C LEU C 79 2.60 12.76 -32.33
N ASP C 80 1.30 12.99 -32.09
CA ASP C 80 0.49 13.64 -33.12
C ASP C 80 0.92 15.08 -33.34
N LEU C 81 1.42 15.76 -32.30
CA LEU C 81 1.91 17.12 -32.51
C LEU C 81 3.23 17.11 -33.25
N LEU C 82 4.10 16.14 -32.95
CA LEU C 82 5.36 16.00 -33.68
C LEU C 82 5.10 15.75 -35.16
N GLU C 83 4.19 14.82 -35.46
CA GLU C 83 3.90 14.46 -36.83
C GLU C 83 3.32 15.64 -37.60
N GLU C 84 2.43 16.40 -36.96
CA GLU C 84 1.84 17.56 -37.62
C GLU C 84 2.92 18.58 -37.98
N ALA C 85 3.82 18.88 -37.03
CA ALA C 85 4.90 19.82 -37.33
C ALA C 85 5.85 19.26 -38.39
N HIS C 86 6.04 17.93 -38.41
CA HIS C 86 6.93 17.32 -39.39
C HIS C 86 6.33 17.38 -40.79
N GLN C 87 5.01 17.20 -40.92
CA GLN C 87 4.37 17.35 -42.22
C GLN C 87 4.46 18.78 -42.73
N GLY C 88 4.57 19.75 -41.82
CA GLY C 88 4.73 21.14 -42.19
C GLY C 88 6.16 21.57 -42.43
N GLY C 89 7.13 20.67 -42.35
CA GLY C 89 8.51 20.99 -42.59
C GLY C 89 9.37 21.25 -41.38
N ARG C 90 8.83 21.05 -40.18
CA ARG C 90 9.63 21.23 -38.96
C ARG C 90 10.46 19.98 -38.71
N PRO C 91 11.76 20.12 -38.48
CA PRO C 91 12.58 18.94 -38.12
C PRO C 91 12.29 18.50 -36.69
N VAL C 92 11.79 17.27 -36.55
CA VAL C 92 11.58 16.65 -35.25
C VAL C 92 12.22 15.27 -35.28
N SER C 93 12.47 14.73 -34.10
CA SER C 93 13.19 13.47 -33.98
C SER C 93 12.83 12.82 -32.65
N LEU C 94 12.91 11.49 -32.62
CA LEU C 94 12.63 10.75 -31.40
C LEU C 94 13.60 9.57 -31.29
N ARG C 95 14.07 9.33 -30.07
CA ARG C 95 14.93 8.21 -29.74
C ARG C 95 14.35 7.53 -28.51
N TRP C 96 14.09 6.23 -28.61
CA TRP C 96 13.58 5.45 -27.49
C TRP C 96 14.62 4.40 -27.13
N HIS C 97 15.25 4.57 -25.97
CA HIS C 97 16.25 3.62 -25.46
C HIS C 97 15.54 2.56 -24.61
N TYR C 98 16.07 1.34 -24.66
CA TYR C 98 15.48 0.27 -23.89
C TYR C 98 16.51 -0.82 -23.62
N ASP C 99 16.30 -1.53 -22.51
CA ASP C 99 17.10 -2.71 -22.17
C ASP C 99 16.82 -3.83 -23.16
N ARG C 100 17.88 -4.34 -23.81
CA ARG C 100 17.71 -5.33 -24.85
C ARG C 100 16.98 -6.57 -24.35
N ARG C 101 17.09 -6.88 -23.05
CA ARG C 101 16.49 -8.09 -22.52
C ARG C 101 14.97 -7.96 -22.31
N ASN C 102 14.38 -6.80 -22.54
CA ASN C 102 12.93 -6.61 -22.38
C ASN C 102 12.36 -6.08 -23.70
N GLU C 103 11.90 -7.00 -24.55
CA GLU C 103 11.43 -6.64 -25.87
C GLU C 103 10.07 -5.94 -25.85
N ARG C 104 9.35 -5.93 -24.72
CA ARG C 104 8.04 -5.27 -24.70
C ARG C 104 8.16 -3.78 -24.87
N VAL C 105 9.24 -3.19 -24.37
CA VAL C 105 9.42 -1.75 -24.54
C VAL C 105 9.73 -1.42 -26.00
N ALA C 106 10.52 -2.26 -26.66
CA ALA C 106 10.80 -2.05 -28.08
C ALA C 106 9.54 -2.26 -28.90
N GLU C 107 8.72 -3.23 -28.52
CA GLU C 107 7.48 -3.49 -29.23
C GLU C 107 6.50 -2.34 -29.08
N LEU C 108 6.42 -1.74 -27.88
CA LEU C 108 5.56 -0.58 -27.68
C LEU C 108 6.06 0.61 -28.47
N ALA C 109 7.37 0.89 -28.40
CA ALA C 109 7.97 1.97 -29.18
C ALA C 109 7.74 1.78 -30.67
N GLU C 110 7.75 0.53 -31.13
CA GLU C 110 7.53 0.27 -32.54
C GLU C 110 6.09 0.55 -32.95
N GLU C 111 5.12 0.24 -32.07
CA GLU C 111 3.74 0.53 -32.39
C GLU C 111 3.50 2.03 -32.51
N PHE C 112 4.12 2.82 -31.63
CA PHE C 112 4.08 4.27 -31.80
C PHE C 112 4.70 4.70 -33.12
N ARG C 113 5.80 4.05 -33.52
CA ARG C 113 6.54 4.53 -34.67
C ARG C 113 5.82 4.22 -35.98
N GLU C 114 4.89 3.27 -35.98
CA GLU C 114 4.14 2.99 -37.21
C GLU C 114 3.16 4.10 -37.55
N ASP C 115 2.81 4.96 -36.59
CA ASP C 115 1.94 6.10 -36.85
C ASP C 115 2.72 7.40 -37.01
N CYS C 116 4.03 7.30 -37.24
CA CYS C 116 4.91 8.45 -37.36
C CYS C 116 5.69 8.32 -38.65
N SER C 117 5.95 9.46 -39.30
CA SER C 117 6.76 9.46 -40.50
C SER C 117 8.03 10.31 -40.33
N PHE C 118 8.34 10.74 -39.10
CA PHE C 118 9.54 11.50 -38.78
C PHE C 118 10.63 10.56 -38.25
N PRO C 119 11.89 11.00 -38.21
CA PRO C 119 12.96 10.12 -37.73
C PRO C 119 12.68 9.63 -36.32
N PHE C 120 12.68 8.31 -36.16
CA PHE C 120 12.24 7.65 -34.94
C PHE C 120 13.16 6.44 -34.73
N ALA C 121 14.04 6.52 -33.75
CA ALA C 121 15.03 5.49 -33.50
C ALA C 121 14.70 4.72 -32.23
N ILE C 122 14.92 3.41 -32.27
CA ILE C 122 14.77 2.52 -31.11
C ILE C 122 16.12 1.87 -30.89
N GLN C 123 16.71 2.09 -29.71
CA GLN C 123 18.09 1.72 -29.42
C GLN C 123 18.15 0.77 -28.24
N ALA C 124 18.68 -0.44 -28.46
CA ALA C 124 18.85 -1.42 -27.40
C ALA C 124 20.16 -1.19 -26.67
N HIS C 125 20.14 -1.42 -25.36
CA HIS C 125 21.32 -1.27 -24.52
C HIS C 125 21.56 -2.56 -23.76
N ASP C 126 22.84 -2.88 -23.57
CA ASP C 126 23.23 -4.05 -22.77
C ASP C 126 23.50 -3.58 -21.36
N GLU C 127 22.55 -3.83 -20.46
CA GLU C 127 22.64 -3.33 -19.09
C GLU C 127 23.56 -4.20 -18.24
N SER D 1 19.66 26.72 14.37
CA SER D 1 19.38 25.34 14.03
C SER D 1 20.50 24.41 14.48
N SER D 3 22.04 23.76 17.45
CA SER D 3 21.73 22.95 18.62
C SER D 3 20.28 22.47 18.62
N ASP D 4 19.49 22.84 17.62
CA ASP D 4 18.08 22.50 17.58
C ASP D 4 17.88 21.13 16.94
N LEU D 5 16.62 20.71 16.87
CA LEU D 5 16.28 19.42 16.29
C LEU D 5 14.93 19.57 15.60
N HIS D 6 14.92 19.42 14.29
CA HIS D 6 13.71 19.47 13.52
C HIS D 6 13.60 18.21 12.70
N ILE D 7 12.55 17.50 12.94
CA ILE D 7 12.28 16.27 12.21
C ILE D 7 10.85 16.36 11.65
N PRO D 8 10.66 16.35 10.33
CA PRO D 8 9.31 16.39 9.79
C PRO D 8 8.57 15.09 10.07
N GLY D 9 7.25 15.20 10.18
CA GLY D 9 6.44 14.03 10.43
C GLY D 9 6.11 13.28 9.17
N THR D 10 5.79 11.99 9.34
CA THR D 10 5.30 11.17 8.25
C THR D 10 4.00 10.49 8.67
N GLN D 11 3.53 9.56 7.84
CA GLN D 11 2.29 8.85 8.13
C GLN D 11 2.42 8.02 9.40
N SER D 12 3.59 7.45 9.65
CA SER D 12 3.81 6.56 10.78
C SER D 12 4.81 7.07 11.80
N THR D 13 5.34 8.28 11.63
CA THR D 13 6.30 8.81 12.59
C THR D 13 5.93 10.24 12.92
N PRO D 14 6.11 10.67 14.17
CA PRO D 14 5.68 12.00 14.58
C PRO D 14 6.66 13.07 14.13
N ALA D 15 6.15 14.29 14.03
CA ALA D 15 6.99 15.47 13.83
C ALA D 15 7.57 15.91 15.16
N ILE D 16 8.83 16.32 15.15
CA ILE D 16 9.58 16.60 16.38
C ILE D 16 10.32 17.93 16.23
N GLN D 17 10.23 18.75 17.24
CA GLN D 17 10.96 19.98 17.30
C GLN D 17 11.68 20.08 18.63
N GLY D 18 12.99 20.14 18.56
CA GLY D 18 13.78 20.40 19.75
C GLY D 18 14.36 21.80 19.74
N ASP D 19 13.81 22.69 20.56
CA ASP D 19 14.28 24.08 20.67
C ASP D 19 15.26 24.13 21.82
N TRP D 20 16.56 24.17 21.49
CA TRP D 20 17.59 24.16 22.53
C TRP D 20 17.52 25.40 23.41
N GLN D 21 17.32 26.58 22.82
CA GLN D 21 17.38 27.80 23.60
C GLN D 21 16.14 27.96 24.47
N ALA D 22 14.97 27.54 23.97
CA ALA D 22 13.75 27.60 24.76
C ALA D 22 13.65 26.48 25.79
N GLY D 23 14.47 25.45 25.67
CA GLY D 23 14.34 24.31 26.57
C GLY D 23 13.02 23.59 26.40
N ARG D 24 12.58 23.41 25.16
CA ARG D 24 11.29 22.78 24.85
C ARG D 24 11.46 21.69 23.81
N LEU D 25 10.81 20.56 24.04
CA LEU D 25 10.79 19.43 23.12
C LEU D 25 9.34 19.10 22.80
N SER D 26 8.97 19.23 21.52
CA SER D 26 7.59 19.03 21.08
C SER D 26 7.50 17.86 20.11
N GLN D 28 4.26 15.76 17.66
CA GLN D 28 2.87 15.63 17.24
C GLN D 28 2.71 14.47 16.26
N GLY D 29 1.61 13.73 16.40
CA GLY D 29 1.24 12.72 15.42
C GLY D 29 1.28 11.30 15.97
N ASP D 30 1.01 10.35 15.07
CA ASP D 30 1.14 8.94 15.40
C ASP D 30 2.61 8.52 15.39
N SER D 31 2.88 7.37 16.00
CA SER D 31 4.25 6.86 16.02
C SER D 31 4.18 5.33 15.98
N TYR D 32 4.27 4.76 14.77
CA TYR D 32 4.38 3.32 14.72
C TYR D 32 5.41 2.85 13.68
N PRO D 33 6.64 3.37 13.72
CA PRO D 33 7.67 2.83 12.82
C PRO D 33 8.07 1.44 13.29
N GLU D 34 8.67 0.68 12.38
CA GLU D 34 9.04 -0.68 12.72
C GLU D 34 10.20 -0.72 13.70
N ASN D 35 11.19 0.16 13.53
CA ASN D 35 12.31 0.27 14.47
C ASN D 35 12.31 1.70 14.98
N SER D 36 11.71 1.92 16.16
CA SER D 36 11.52 3.28 16.65
C SER D 36 12.81 3.96 17.06
N TYR D 37 13.88 3.22 17.32
CA TYR D 37 15.12 3.85 17.73
C TYR D 37 15.90 4.45 16.57
N GLU D 38 15.57 4.10 15.33
CA GLU D 38 16.09 4.85 14.20
C GLU D 38 15.57 6.28 14.23
N LEU D 39 14.38 6.48 14.79
CA LEU D 39 13.77 7.80 14.92
C LEU D 39 14.13 8.45 16.26
N PHE D 40 13.90 7.74 17.36
CA PHE D 40 14.07 8.34 18.68
C PHE D 40 15.51 8.35 19.14
N GLY D 41 16.42 7.67 18.43
CA GLY D 41 17.80 7.65 18.87
C GLY D 41 18.39 9.04 19.01
N GLN D 42 18.13 9.90 18.02
CA GLN D 42 18.64 11.26 18.10
C GLN D 42 17.88 12.10 19.10
N VAL D 43 16.59 11.81 19.34
CA VAL D 43 15.82 12.55 20.32
C VAL D 43 16.34 12.24 21.73
N ILE D 44 16.60 10.97 22.02
CA ILE D 44 17.15 10.59 23.32
C ILE D 44 18.51 11.26 23.53
N ASP D 45 19.36 11.23 22.50
CA ASP D 45 20.66 11.91 22.60
C ASP D 45 20.48 13.40 22.82
N TRP D 46 19.51 14.01 22.15
CA TRP D 46 19.26 15.44 22.34
C TRP D 46 18.84 15.73 23.77
N VAL D 47 17.97 14.88 24.34
CA VAL D 47 17.55 15.07 25.73
C VAL D 47 18.73 14.87 26.67
N GLU D 48 19.49 13.79 26.47
CA GLU D 48 20.63 13.52 27.33
C GLU D 48 21.65 14.64 27.30
N ARG D 49 21.91 15.19 26.11
CA ARG D 49 22.81 16.33 26.04
C ARG D 49 22.24 17.55 26.76
N PHE D 50 20.94 17.81 26.61
CA PHE D 50 20.33 18.93 27.31
C PHE D 50 20.40 18.75 28.82
N LEU D 51 20.20 17.53 29.31
CA LEU D 51 20.10 17.31 30.75
C LEU D 51 21.46 17.22 31.43
N ALA D 52 22.52 16.93 30.68
CA ALA D 52 23.86 16.93 31.25
C ALA D 52 24.40 18.34 31.44
N ASP D 53 23.73 19.34 30.86
CA ASP D 53 24.26 20.67 30.66
C ASP D 53 23.35 21.70 31.33
N GLY D 54 23.93 22.53 32.20
CA GLY D 54 23.18 23.64 32.74
C GLY D 54 22.11 23.21 33.72
N GLN D 55 21.36 24.19 34.20
CA GLN D 55 20.23 23.98 35.08
C GLN D 55 18.92 24.42 34.45
N ARG D 56 18.93 24.78 33.16
CA ARG D 56 17.75 25.33 32.51
C ARG D 56 16.64 24.29 32.48
N PRO D 57 15.39 24.69 32.71
CA PRO D 57 14.27 23.73 32.68
C PRO D 57 14.10 23.13 31.29
N LEU D 58 13.60 21.91 31.26
CA LEU D 58 13.24 21.22 30.02
C LEU D 58 11.78 20.84 30.09
N GLU D 59 11.00 21.28 29.11
CA GLU D 59 9.58 20.97 29.03
C GLU D 59 9.28 20.20 27.76
N LEU D 60 8.45 19.16 27.89
CA LEU D 60 7.99 18.35 26.78
C LEU D 60 6.52 18.68 26.52
N ASP D 61 6.22 19.07 25.28
CA ASP D 61 4.85 19.39 24.86
C ASP D 61 4.42 18.39 23.81
N LEU D 62 3.58 17.45 24.19
CA LEU D 62 3.26 16.29 23.36
C LEU D 62 1.83 16.39 22.84
N ARG D 63 1.71 16.09 21.57
CA ARG D 63 0.48 15.99 20.88
C ARG D 63 0.45 14.68 20.11
N LEU D 64 0.98 13.66 20.77
CA LEU D 64 1.07 12.31 20.29
C LEU D 64 -0.27 11.58 20.35
N LEU D 65 -0.49 10.67 19.42
CA LEU D 65 -1.72 9.90 19.30
C LEU D 65 -1.63 8.38 19.48
N TYR D 66 -1.40 7.65 18.42
CA TYR D 66 -1.22 6.24 18.53
C TYR D 66 0.30 5.94 18.55
N LEU D 67 0.71 5.16 19.53
CA LEU D 67 2.08 4.74 19.68
C LEU D 67 2.09 3.25 19.75
N ASN D 68 2.96 2.63 18.98
CA ASN D 68 3.11 1.17 19.03
C ASN D 68 4.06 0.82 20.18
N SER D 70 7.10 -0.40 20.36
CA SER D 70 8.47 0.09 20.24
C SER D 70 8.57 1.57 20.58
N SER D 71 7.60 2.36 20.12
CA SER D 71 7.60 3.78 20.45
C SER D 71 7.36 4.01 21.93
N ILE D 72 6.56 3.14 22.56
CA ILE D 72 6.29 3.29 23.99
C ILE D 72 7.54 3.02 24.81
N LYS D 73 8.34 2.02 24.40
CA LYS D 73 9.61 1.76 25.07
C LYS D 73 10.54 2.95 24.95
N ALA D 74 10.72 3.46 23.72
CA ALA D 74 11.61 4.61 23.52
C ALA D 74 11.13 5.82 24.31
N ASP D 77 12.14 5.48 27.78
CA ASP D 77 13.55 5.83 27.94
C ASP D 77 13.72 7.33 28.10
N ILE D 78 12.95 8.12 27.33
CA ILE D 78 13.02 9.57 27.46
C ILE D 78 12.50 10.02 28.82
N LEU D 79 11.40 9.43 29.30
CA LEU D 79 10.85 9.85 30.58
C LEU D 79 11.74 9.44 31.75
N ASP D 80 12.49 8.35 31.60
CA ASP D 80 13.45 7.97 32.65
C ASP D 80 14.59 8.97 32.73
N LEU D 81 14.95 9.62 31.63
CA LEU D 81 15.99 10.65 31.72
C LEU D 81 15.45 11.89 32.41
N LEU D 82 14.21 12.26 32.11
CA LEU D 82 13.58 13.37 32.80
C LEU D 82 13.48 13.09 34.30
N GLU D 83 13.02 11.88 34.65
CA GLU D 83 12.86 11.53 36.05
C GLU D 83 14.20 11.49 36.76
N GLU D 84 15.23 10.98 36.09
CA GLU D 84 16.57 10.97 36.68
C GLU D 84 17.05 12.38 36.96
N ALA D 85 16.90 13.28 35.98
CA ALA D 85 17.30 14.68 36.18
C ALA D 85 16.43 15.36 37.24
N HIS D 86 15.16 14.99 37.33
CA HIS D 86 14.28 15.63 38.29
C HIS D 86 14.63 15.21 39.73
N GLN D 87 15.02 13.96 39.94
CA GLN D 87 15.45 13.54 41.27
C GLN D 87 16.72 14.25 41.71
N GLY D 88 17.54 14.72 40.77
CA GLY D 88 18.73 15.49 41.09
C GLY D 88 18.51 16.97 41.28
N GLY D 89 17.26 17.43 41.20
CA GLY D 89 16.95 18.83 41.39
C GLY D 89 16.78 19.64 40.13
N ARG D 90 16.82 19.02 38.96
CA ARG D 90 16.64 19.73 37.69
C ARG D 90 15.15 19.94 37.42
N PRO D 91 14.72 21.15 37.10
CA PRO D 91 13.30 21.38 36.76
C PRO D 91 12.97 20.79 35.38
N VAL D 92 12.05 19.83 35.37
CA VAL D 92 11.51 19.29 34.15
C VAL D 92 10.00 19.27 34.25
N SER D 93 9.35 19.22 33.09
CA SER D 93 7.90 19.33 33.02
C SER D 93 7.43 18.68 31.73
N LEU D 94 6.20 18.17 31.74
CA LEU D 94 5.62 17.56 30.55
C LEU D 94 4.15 17.92 30.47
N ARG D 95 3.69 18.19 29.24
CA ARG D 95 2.28 18.46 28.96
C ARG D 95 1.86 17.61 27.78
N TRP D 96 0.79 16.83 27.95
CA TRP D 96 0.27 15.99 26.87
C TRP D 96 -1.14 16.46 26.53
N HIS D 97 -1.31 17.05 25.35
CA HIS D 97 -2.62 17.50 24.89
C HIS D 97 -3.30 16.38 24.12
N TYR D 98 -4.63 16.32 24.21
CA TYR D 98 -5.35 15.28 23.50
C TYR D 98 -6.79 15.70 23.24
N ASP D 99 -7.35 15.14 22.18
CA ASP D 99 -8.76 15.32 21.84
C ASP D 99 -9.61 14.67 22.91
N ARG D 100 -10.51 15.46 23.53
CA ARG D 100 -11.29 14.98 24.67
C ARG D 100 -12.12 13.74 24.32
N ARG D 101 -12.48 13.57 23.04
CA ARG D 101 -13.33 12.47 22.62
C ARG D 101 -12.60 11.13 22.48
N ASN D 102 -11.29 11.09 22.66
CA ASN D 102 -10.51 9.85 22.53
C ASN D 102 -9.76 9.60 23.84
N GLU D 103 -10.36 8.86 24.73
CA GLU D 103 -9.79 8.57 26.01
C GLU D 103 -8.52 7.79 25.99
N ARG D 104 -8.30 7.01 24.96
CA ARG D 104 -7.14 6.14 24.96
C ARG D 104 -5.84 6.92 25.01
N VAL D 105 -5.81 8.11 24.43
CA VAL D 105 -4.59 8.90 24.48
C VAL D 105 -4.33 9.37 25.91
N ALA D 106 -5.39 9.77 26.61
CA ALA D 106 -5.23 10.18 28.00
C ALA D 106 -4.86 8.99 28.89
N GLU D 107 -5.45 7.82 28.61
CA GLU D 107 -5.12 6.63 29.39
C GLU D 107 -3.67 6.22 29.18
N LEU D 108 -3.17 6.34 27.95
CA LEU D 108 -1.76 6.05 27.70
C LEU D 108 -0.87 7.07 28.42
N ALA D 109 -1.20 8.35 28.29
CA ALA D 109 -0.44 9.38 29.00
C ALA D 109 -0.49 9.17 30.50
N GLU D 110 -1.64 8.73 31.02
CA GLU D 110 -1.76 8.47 32.45
C GLU D 110 -0.90 7.30 32.90
N GLU D 111 -0.69 6.31 32.03
CA GLU D 111 0.18 5.20 32.41
C GLU D 111 1.64 5.63 32.42
N PHE D 112 2.04 6.48 31.48
CA PHE D 112 3.38 7.06 31.52
C PHE D 112 3.60 7.87 32.80
N ARG D 113 2.58 8.60 33.24
CA ARG D 113 2.79 9.53 34.34
C ARG D 113 2.87 8.86 35.70
N GLU D 114 2.38 7.63 35.84
CA GLU D 114 2.51 6.96 37.13
C GLU D 114 3.95 6.59 37.45
N ASP D 115 4.84 6.57 36.45
CA ASP D 115 6.25 6.30 36.64
C ASP D 115 7.08 7.57 36.70
N CYS D 116 6.44 8.72 36.91
CA CYS D 116 7.10 10.02 36.94
C CYS D 116 6.70 10.75 38.21
N SER D 117 7.64 11.51 38.76
CA SER D 117 7.35 12.34 39.93
C SER D 117 7.52 13.83 39.64
N PHE D 118 7.74 14.21 38.36
CA PHE D 118 7.84 15.60 37.96
C PHE D 118 6.49 16.11 37.43
N PRO D 119 6.31 17.43 37.33
CA PRO D 119 5.02 17.97 36.87
C PRO D 119 4.65 17.42 35.49
N PHE D 120 3.46 16.83 35.41
CA PHE D 120 3.03 16.09 34.23
C PHE D 120 1.55 16.38 34.06
N ALA D 121 1.21 17.17 33.04
CA ALA D 121 -0.16 17.62 32.81
C ALA D 121 -0.74 16.95 31.58
N ILE D 122 -2.01 16.58 31.67
CA ILE D 122 -2.77 16.01 30.56
C ILE D 122 -3.96 16.94 30.32
N GLN D 123 -4.04 17.51 29.12
CA GLN D 123 -4.99 18.57 28.82
C GLN D 123 -5.91 18.12 27.69
N ALA D 124 -7.20 18.10 27.98
CA ALA D 124 -8.24 17.74 27.02
C ALA D 124 -8.63 18.96 26.20
N HIS D 125 -8.91 18.73 24.91
CA HIS D 125 -9.31 19.77 23.99
C HIS D 125 -10.60 19.40 23.29
N ASP D 126 -11.43 20.41 23.04
CA ASP D 126 -12.69 20.23 22.32
C ASP D 126 -12.53 20.53 20.84
#